data_1WEH
#
_entry.id   1WEH
#
_cell.length_a   40.663
_cell.length_b   129.821
_cell.length_c   119.852
_cell.angle_alpha   90.00
_cell.angle_beta   90.00
_cell.angle_gamma   90.00
#
_symmetry.space_group_name_H-M   'C 2 2 21'
#
loop_
_entity.id
_entity.type
_entity.pdbx_description
1 polymer 'Conserved hypothetical protein TT1887'
2 water water
#
_entity_poly.entity_id   1
_entity_poly.type   'polypeptide(L)'
_entity_poly.pdbx_seq_one_letter_code
;(MSE)RLLAVFVSSRLSPEDPLYARWVRYGEVLAEEGFGLACGGYQGG(MSE)EALARGVKAKGGLVVGVTAPAFFPERR
GPNPFVDLELPAATLPQRIGRLLDLGAGYLALPGGVGTLAELVLAWNLLYLRRGVGRPLAVDPYWLGLLKAHGEIAPEDV
GLLRVVADEEDLRRFLRSL
;
_entity_poly.pdbx_strand_id   A,B
#
# COMPACT_ATOMS: atom_id res chain seq x y z
N MSE A 1 6.82 -7.35 7.70
CA MSE A 1 5.50 -7.81 8.21
C MSE A 1 4.61 -8.25 7.04
O MSE A 1 4.75 -7.74 5.94
CB MSE A 1 4.81 -6.70 8.97
CG MSE A 1 3.61 -7.18 9.77
SE MSE A 1 2.33 -5.78 9.97
CE MSE A 1 3.51 -4.25 9.77
N ARG A 2 3.70 -9.18 7.31
CA ARG A 2 2.80 -9.66 6.27
C ARG A 2 1.36 -9.33 6.64
N LEU A 3 0.53 -9.22 5.62
CA LEU A 3 -0.88 -8.88 5.85
C LEU A 3 -1.81 -9.93 5.29
N LEU A 4 -2.98 -10.02 5.92
CA LEU A 4 -4.05 -10.89 5.45
C LEU A 4 -5.04 -9.89 4.84
N ALA A 5 -5.40 -10.08 3.57
CA ALA A 5 -6.38 -9.19 2.94
C ALA A 5 -7.73 -9.84 3.17
N VAL A 6 -8.67 -9.08 3.73
CA VAL A 6 -10.00 -9.62 4.00
C VAL A 6 -11.08 -8.87 3.23
N PHE A 7 -12.01 -9.63 2.64
CA PHE A 7 -13.11 -9.05 1.89
C PHE A 7 -14.35 -9.32 2.75
N VAL A 8 -15.15 -8.30 2.99
CA VAL A 8 -16.30 -8.48 3.87
C VAL A 8 -17.37 -7.39 3.72
N SER A 9 -18.57 -7.72 4.16
CA SER A 9 -19.74 -6.84 4.14
C SER A 9 -19.42 -5.42 4.58
N SER A 10 -19.91 -4.45 3.82
CA SER A 10 -19.68 -3.05 4.15
C SER A 10 -20.84 -2.53 4.98
N ARG A 11 -21.95 -3.26 4.97
CA ARG A 11 -23.15 -2.81 5.68
C ARG A 11 -23.39 -3.46 7.03
N LEU A 12 -22.58 -4.46 7.38
CA LEU A 12 -22.73 -5.16 8.65
C LEU A 12 -22.92 -4.23 9.84
N SER A 13 -24.00 -4.44 10.59
CA SER A 13 -24.29 -3.62 11.76
C SER A 13 -23.58 -4.17 13.01
N PRO A 14 -23.10 -3.27 13.89
CA PRO A 14 -22.41 -3.67 15.11
C PRO A 14 -23.25 -4.60 15.99
N GLU A 15 -24.57 -4.52 15.84
CA GLU A 15 -25.47 -5.37 16.63
C GLU A 15 -25.64 -6.76 16.03
N ASP A 16 -25.12 -6.96 14.83
CA ASP A 16 -25.20 -8.25 14.17
C ASP A 16 -24.16 -9.12 14.88
N PRO A 17 -24.52 -10.38 15.22
CA PRO A 17 -23.58 -11.26 15.90
C PRO A 17 -22.27 -11.47 15.12
N LEU A 18 -22.35 -11.41 13.80
CA LEU A 18 -21.14 -11.59 13.00
C LEU A 18 -20.14 -10.48 13.23
N TYR A 19 -20.62 -9.26 13.54
CA TYR A 19 -19.72 -8.14 13.77
C TYR A 19 -18.73 -8.50 14.87
N ALA A 20 -19.25 -9.00 15.99
CA ALA A 20 -18.39 -9.38 17.11
C ALA A 20 -17.45 -10.52 16.74
N ARG A 21 -17.91 -11.43 15.86
CA ARG A 21 -17.07 -12.54 15.44
C ARG A 21 -15.91 -12.04 14.59
N TRP A 22 -16.16 -11.02 13.78
CA TRP A 22 -15.09 -10.48 12.94
C TRP A 22 -14.11 -9.65 13.76
N VAL A 23 -14.58 -9.03 14.84
CA VAL A 23 -13.68 -8.26 15.69
C VAL A 23 -12.69 -9.29 16.23
N ARG A 24 -13.20 -10.42 16.69
CA ARG A 24 -12.36 -11.49 17.21
C ARG A 24 -11.38 -12.00 16.15
N TYR A 25 -11.84 -12.11 14.90
CA TYR A 25 -10.95 -12.55 13.81
C TYR A 25 -9.80 -11.55 13.68
N GLY A 26 -10.10 -10.27 13.88
CA GLY A 26 -9.05 -9.25 13.81
C GLY A 26 -8.00 -9.46 14.89
N GLU A 27 -8.47 -9.73 16.11
CA GLU A 27 -7.58 -9.96 17.23
C GLU A 27 -6.69 -11.17 16.94
N VAL A 28 -7.34 -12.23 16.43
CA VAL A 28 -6.62 -13.45 16.10
C VAL A 28 -5.54 -13.28 15.03
N LEU A 29 -5.84 -12.56 13.95
CA LEU A 29 -4.81 -12.41 12.92
C LEU A 29 -3.62 -11.60 13.46
N ALA A 30 -3.90 -10.63 14.33
CA ALA A 30 -2.83 -9.83 14.92
C ALA A 30 -1.99 -10.71 15.83
N GLU A 31 -2.65 -11.60 16.59
CA GLU A 31 -1.94 -12.51 17.49
C GLU A 31 -1.05 -13.46 16.70
N GLU A 32 -1.51 -13.83 15.50
CA GLU A 32 -0.76 -14.73 14.65
C GLU A 32 0.39 -14.05 13.91
N GLY A 33 0.60 -12.76 14.21
CA GLY A 33 1.68 -12.02 13.60
C GLY A 33 1.39 -11.29 12.30
N PHE A 34 0.12 -11.19 11.93
CA PHE A 34 -0.25 -10.52 10.69
C PHE A 34 -0.90 -9.17 10.90
N GLY A 35 -0.85 -8.35 9.86
CA GLY A 35 -1.53 -7.06 9.86
C GLY A 35 -2.72 -7.28 8.95
N LEU A 36 -3.57 -6.27 8.78
CA LEU A 36 -4.78 -6.37 7.95
C LEU A 36 -4.82 -5.42 6.77
N ALA A 37 -5.27 -5.92 5.62
CA ALA A 37 -5.47 -5.10 4.43
C ALA A 37 -6.96 -5.26 4.15
N CYS A 38 -7.68 -4.15 4.08
CA CYS A 38 -9.12 -4.20 3.82
C CYS A 38 -9.56 -2.95 3.07
N GLY A 39 -10.87 -2.87 2.82
CA GLY A 39 -11.44 -1.76 2.08
C GLY A 39 -11.43 -0.43 2.83
N GLY A 40 -11.08 -0.49 4.10
CA GLY A 40 -10.97 0.71 4.92
C GLY A 40 -12.22 1.43 5.40
N TYR A 41 -13.41 0.88 5.18
CA TYR A 41 -14.61 1.58 5.63
C TYR A 41 -15.31 0.96 6.84
N GLN A 42 -16.64 0.95 6.83
CA GLN A 42 -17.43 0.41 7.96
C GLN A 42 -17.79 -1.05 7.86
N GLY A 43 -18.86 -1.44 8.55
CA GLY A 43 -19.29 -2.82 8.54
C GLY A 43 -18.17 -3.72 9.04
N GLY A 44 -17.99 -4.85 8.35
CA GLY A 44 -16.96 -5.79 8.72
C GLY A 44 -15.54 -5.27 8.66
N MSE A 45 -15.29 -4.28 7.79
CA MSE A 45 -13.95 -3.72 7.69
C MSE A 45 -13.56 -3.05 9.00
O MSE A 45 -12.43 -3.18 9.46
CB MSE A 45 -13.88 -2.72 6.52
CG MSE A 45 -14.04 -3.42 5.16
SE MSE A 45 -14.46 -2.17 3.73
CE MSE A 45 -16.40 -2.07 4.01
N GLU A 46 -14.49 -2.32 9.60
CA GLU A 46 -14.20 -1.64 10.85
C GLU A 46 -14.13 -2.65 11.98
N ALA A 47 -14.99 -3.67 11.94
CA ALA A 47 -14.99 -4.69 12.97
C ALA A 47 -13.62 -5.37 12.99
N LEU A 48 -13.13 -5.77 11.82
CA LEU A 48 -11.83 -6.42 11.72
C LEU A 48 -10.71 -5.48 12.17
N ALA A 49 -10.77 -4.23 11.71
CA ALA A 49 -9.75 -3.24 12.07
C ALA A 49 -9.70 -3.03 13.59
N ARG A 50 -10.87 -2.95 14.25
CA ARG A 50 -10.91 -2.74 15.70
C ARG A 50 -10.18 -3.86 16.43
N GLY A 51 -10.42 -5.09 15.99
CA GLY A 51 -9.77 -6.25 16.60
C GLY A 51 -8.26 -6.21 16.43
N VAL A 52 -7.81 -5.93 15.22
CA VAL A 52 -6.38 -5.86 14.95
C VAL A 52 -5.73 -4.78 15.81
N LYS A 53 -6.35 -3.61 15.90
CA LYS A 53 -5.77 -2.54 16.71
C LYS A 53 -5.77 -2.89 18.20
N ALA A 54 -6.77 -3.66 18.63
CA ALA A 54 -6.85 -4.06 20.03
C ALA A 54 -5.63 -4.92 20.41
N LYS A 55 -5.07 -5.61 19.41
CA LYS A 55 -3.90 -6.46 19.64
C LYS A 55 -2.59 -5.85 19.15
N GLY A 56 -2.59 -4.55 18.91
CA GLY A 56 -1.38 -3.86 18.47
C GLY A 56 -0.94 -4.08 17.03
N GLY A 57 -1.81 -4.63 16.20
CA GLY A 57 -1.46 -4.86 14.80
C GLY A 57 -1.63 -3.65 13.90
N LEU A 58 -1.23 -3.79 12.64
CA LEU A 58 -1.31 -2.72 11.66
C LEU A 58 -2.47 -2.93 10.70
N VAL A 59 -3.14 -1.83 10.33
CA VAL A 59 -4.28 -1.89 9.42
C VAL A 59 -4.09 -0.97 8.22
N VAL A 60 -4.17 -1.55 7.02
CA VAL A 60 -4.06 -0.80 5.77
C VAL A 60 -5.43 -0.77 5.13
N GLY A 61 -5.89 0.42 4.76
CA GLY A 61 -7.20 0.54 4.14
C GLY A 61 -7.13 1.04 2.72
N VAL A 62 -7.57 0.21 1.77
CA VAL A 62 -7.57 0.58 0.36
C VAL A 62 -8.98 1.10 0.06
N THR A 63 -9.12 2.41 0.17
CA THR A 63 -10.38 3.11 -0.03
C THR A 63 -10.65 3.39 -1.51
N ALA A 64 -11.82 3.95 -1.80
CA ALA A 64 -12.21 4.29 -3.16
C ALA A 64 -13.09 5.52 -3.04
N PRO A 65 -12.51 6.63 -2.58
CA PRO A 65 -13.22 7.90 -2.38
C PRO A 65 -14.12 8.39 -3.51
N ALA A 66 -13.67 8.27 -4.76
CA ALA A 66 -14.48 8.73 -5.88
C ALA A 66 -15.83 8.04 -5.92
N PHE A 67 -15.87 6.80 -5.43
CA PHE A 67 -17.12 6.06 -5.44
C PHE A 67 -17.98 6.29 -4.21
N PHE A 68 -17.37 6.77 -3.12
CA PHE A 68 -18.13 7.02 -1.90
C PHE A 68 -17.87 8.39 -1.29
N PRO A 69 -18.17 9.48 -2.02
CA PRO A 69 -17.94 10.82 -1.48
C PRO A 69 -18.64 10.95 -0.13
N GLU A 70 -19.73 10.21 0.02
CA GLU A 70 -20.50 10.22 1.27
C GLU A 70 -19.75 9.62 2.45
N ARG A 71 -18.70 8.85 2.16
CA ARG A 71 -17.88 8.26 3.21
C ARG A 71 -16.68 9.17 3.41
N ARG A 72 -16.75 9.98 4.47
CA ARG A 72 -15.72 10.97 4.84
C ARG A 72 -14.26 10.53 4.72
N GLY A 73 -14.00 9.24 4.90
CA GLY A 73 -12.65 8.74 4.83
C GLY A 73 -12.60 7.36 5.46
N PRO A 74 -11.40 6.78 5.64
CA PRO A 74 -11.29 5.46 6.25
C PRO A 74 -11.75 5.47 7.71
N ASN A 75 -12.07 4.31 8.25
CA ASN A 75 -12.50 4.23 9.64
C ASN A 75 -11.32 4.62 10.53
N PRO A 76 -11.58 4.98 11.80
CA PRO A 76 -10.58 5.39 12.79
C PRO A 76 -9.47 4.40 13.10
N PHE A 77 -9.69 3.13 12.78
CA PHE A 77 -8.70 2.12 13.06
C PHE A 77 -7.73 1.81 11.93
N VAL A 78 -7.84 2.55 10.84
CA VAL A 78 -6.94 2.33 9.70
C VAL A 78 -5.67 3.16 9.92
N ASP A 79 -4.52 2.51 9.82
CA ASP A 79 -3.25 3.20 10.00
C ASP A 79 -2.77 3.85 8.71
N LEU A 80 -2.85 3.11 7.62
CA LEU A 80 -2.38 3.62 6.35
C LEU A 80 -3.50 3.56 5.33
N GLU A 81 -3.77 4.70 4.68
CA GLU A 81 -4.81 4.73 3.65
C GLU A 81 -4.13 4.71 2.30
N LEU A 82 -4.68 3.89 1.39
CA LEU A 82 -4.19 3.75 0.04
C LEU A 82 -5.41 3.91 -0.86
N PRO A 83 -5.76 5.17 -1.19
CA PRO A 83 -6.94 5.40 -2.04
C PRO A 83 -6.80 4.92 -3.49
N ALA A 84 -7.82 4.23 -3.97
CA ALA A 84 -7.84 3.69 -5.33
C ALA A 84 -8.89 4.45 -6.13
N ALA A 85 -8.62 4.65 -7.42
CA ALA A 85 -9.50 5.39 -8.32
C ALA A 85 -10.52 4.55 -9.09
N THR A 86 -10.30 3.25 -9.19
CA THR A 86 -11.23 2.36 -9.90
C THR A 86 -11.40 1.08 -9.11
N LEU A 87 -12.44 0.30 -9.41
CA LEU A 87 -12.62 -0.94 -8.66
C LEU A 87 -11.52 -1.96 -8.99
N PRO A 88 -11.18 -2.12 -10.27
CA PRO A 88 -10.13 -3.10 -10.55
C PRO A 88 -8.82 -2.72 -9.84
N GLN A 89 -8.52 -1.42 -9.80
CA GLN A 89 -7.29 -0.96 -9.15
C GLN A 89 -7.34 -1.23 -7.66
N ARG A 90 -8.50 -1.00 -7.06
CA ARG A 90 -8.68 -1.22 -5.64
C ARG A 90 -8.44 -2.70 -5.31
N ILE A 91 -9.07 -3.57 -6.08
CA ILE A 91 -8.91 -5.00 -5.86
C ILE A 91 -7.46 -5.43 -6.09
N GLY A 92 -6.87 -4.98 -7.20
CA GLY A 92 -5.47 -5.31 -7.47
C GLY A 92 -4.55 -4.93 -6.32
N ARG A 93 -4.80 -3.78 -5.69
CA ARG A 93 -3.97 -3.37 -4.58
C ARG A 93 -4.17 -4.27 -3.36
N LEU A 94 -5.41 -4.66 -3.07
CA LEU A 94 -5.64 -5.56 -1.94
C LEU A 94 -4.93 -6.89 -2.18
N LEU A 95 -5.02 -7.40 -3.41
CA LEU A 95 -4.38 -8.68 -3.71
C LEU A 95 -2.86 -8.61 -3.58
N ASP A 96 -2.27 -7.51 -4.04
CA ASP A 96 -0.83 -7.39 -3.96
C ASP A 96 -0.32 -7.13 -2.55
N LEU A 97 -1.19 -6.62 -1.68
CA LEU A 97 -0.84 -6.33 -0.29
C LEU A 97 -0.83 -7.58 0.60
N GLY A 98 -1.71 -8.53 0.28
CA GLY A 98 -1.81 -9.68 1.14
C GLY A 98 -1.05 -10.93 0.79
N ALA A 99 -0.63 -11.65 1.83
CA ALA A 99 0.08 -12.92 1.69
C ALA A 99 -0.95 -14.04 1.53
N GLY A 100 -2.20 -13.72 1.86
CA GLY A 100 -3.30 -14.67 1.77
C GLY A 100 -4.57 -13.84 1.80
N TYR A 101 -5.70 -14.45 1.46
CA TYR A 101 -6.97 -13.74 1.42
C TYR A 101 -8.07 -14.50 2.13
N LEU A 102 -9.01 -13.75 2.69
CA LEU A 102 -10.15 -14.37 3.37
C LEU A 102 -11.40 -13.64 2.91
N ALA A 103 -12.37 -14.38 2.39
CA ALA A 103 -13.61 -13.73 1.95
C ALA A 103 -14.69 -14.08 2.96
N LEU A 104 -15.07 -13.09 3.77
CA LEU A 104 -16.13 -13.26 4.78
C LEU A 104 -17.44 -12.94 4.07
N PRO A 105 -18.59 -13.19 4.72
CA PRO A 105 -19.86 -12.90 4.07
C PRO A 105 -20.00 -11.44 3.62
N GLY A 106 -20.57 -11.24 2.45
CA GLY A 106 -20.76 -9.90 1.91
C GLY A 106 -21.60 -9.94 0.66
N GLY A 107 -21.66 -8.82 -0.04
CA GLY A 107 -22.46 -8.74 -1.25
C GLY A 107 -21.65 -8.79 -2.54
N VAL A 108 -22.22 -8.23 -3.61
CA VAL A 108 -21.56 -8.24 -4.91
C VAL A 108 -20.13 -7.71 -4.90
N GLY A 109 -19.88 -6.65 -4.12
CA GLY A 109 -18.54 -6.10 -4.05
C GLY A 109 -17.54 -7.06 -3.43
N THR A 110 -17.99 -7.79 -2.44
CA THR A 110 -17.14 -8.77 -1.78
C THR A 110 -16.93 -9.93 -2.74
N LEU A 111 -17.97 -10.29 -3.50
CA LEU A 111 -17.84 -11.38 -4.47
C LEU A 111 -16.80 -11.02 -5.55
N ALA A 112 -16.81 -9.76 -6.00
CA ALA A 112 -15.86 -9.31 -7.02
C ALA A 112 -14.42 -9.56 -6.59
N GLU A 113 -14.13 -9.28 -5.33
CA GLU A 113 -12.80 -9.47 -4.77
C GLU A 113 -12.47 -10.96 -4.68
N LEU A 114 -13.43 -11.72 -4.17
CA LEU A 114 -13.28 -13.16 -4.04
C LEU A 114 -12.97 -13.80 -5.38
N VAL A 115 -13.80 -13.52 -6.39
CA VAL A 115 -13.60 -14.14 -7.69
C VAL A 115 -12.28 -13.74 -8.39
N LEU A 116 -11.83 -12.50 -8.22
CA LEU A 116 -10.56 -12.13 -8.84
C LEU A 116 -9.40 -12.93 -8.19
N ALA A 117 -9.44 -13.08 -6.87
CA ALA A 117 -8.40 -13.85 -6.19
C ALA A 117 -8.51 -15.31 -6.64
N TRP A 118 -9.74 -15.80 -6.74
CA TRP A 118 -9.97 -17.18 -7.19
C TRP A 118 -9.40 -17.36 -8.60
N ASN A 119 -9.64 -16.39 -9.45
CA ASN A 119 -9.18 -16.40 -10.83
C ASN A 119 -7.66 -16.64 -10.90
N LEU A 120 -6.92 -15.96 -10.03
CA LEU A 120 -5.47 -16.13 -10.02
C LEU A 120 -5.06 -17.56 -9.69
N LEU A 121 -5.73 -18.17 -8.71
CA LEU A 121 -5.42 -19.55 -8.36
C LEU A 121 -5.84 -20.50 -9.49
N TYR A 122 -6.95 -20.19 -10.12
CA TYR A 122 -7.50 -20.97 -11.21
C TYR A 122 -6.53 -21.07 -12.39
N LEU A 123 -5.76 -20.01 -12.64
CA LEU A 123 -4.80 -20.03 -13.73
C LEU A 123 -3.76 -21.14 -13.49
N ARG A 124 -3.56 -21.49 -12.23
CA ARG A 124 -2.62 -22.56 -11.86
C ARG A 124 -1.24 -22.38 -12.48
N ARG A 125 -0.65 -21.20 -12.28
CA ARG A 125 0.69 -20.91 -12.80
C ARG A 125 1.53 -20.26 -11.72
N GLY A 126 1.21 -20.58 -10.47
CA GLY A 126 1.97 -20.02 -9.36
C GLY A 126 1.75 -18.54 -9.13
N VAL A 127 0.62 -17.99 -9.58
CA VAL A 127 0.34 -16.58 -9.35
C VAL A 127 -0.74 -16.47 -8.27
N GLY A 128 -0.91 -15.30 -7.68
CA GLY A 128 -1.90 -15.16 -6.63
C GLY A 128 -1.38 -15.72 -5.30
N ARG A 129 -2.28 -15.88 -4.33
CA ARG A 129 -1.93 -16.39 -2.99
C ARG A 129 -3.13 -17.21 -2.48
N PRO A 130 -2.95 -17.96 -1.38
CA PRO A 130 -4.05 -18.77 -0.84
C PRO A 130 -5.30 -17.96 -0.54
N LEU A 131 -6.45 -18.55 -0.85
CA LEU A 131 -7.74 -17.91 -0.64
C LEU A 131 -8.67 -18.79 0.19
N ALA A 132 -9.13 -18.25 1.30
CA ALA A 132 -10.06 -18.95 2.15
C ALA A 132 -11.40 -18.24 2.09
N VAL A 133 -12.48 -18.99 2.23
CA VAL A 133 -13.80 -18.40 2.22
C VAL A 133 -14.61 -18.90 3.40
N ASP A 134 -15.51 -18.05 3.88
CA ASP A 134 -16.41 -18.42 4.95
C ASP A 134 -17.44 -19.33 4.24
N PRO A 135 -17.91 -20.39 4.91
CA PRO A 135 -18.90 -21.33 4.35
C PRO A 135 -20.04 -20.66 3.58
N TYR A 136 -20.40 -19.45 4.00
CA TYR A 136 -21.45 -18.66 3.36
C TYR A 136 -21.30 -18.68 1.83
N TRP A 137 -20.08 -18.47 1.36
CA TRP A 137 -19.84 -18.43 -0.07
C TRP A 137 -20.05 -19.73 -0.81
N LEU A 138 -19.93 -20.87 -0.13
CA LEU A 138 -20.13 -22.15 -0.81
C LEU A 138 -21.60 -22.41 -1.09
N GLY A 139 -22.47 -21.58 -0.51
CA GLY A 139 -23.90 -21.72 -0.77
C GLY A 139 -24.20 -21.07 -2.12
N LEU A 140 -23.22 -20.35 -2.66
CA LEU A 140 -23.38 -19.67 -3.95
C LEU A 140 -22.41 -20.25 -5.00
N LEU A 141 -21.13 -20.27 -4.66
CA LEU A 141 -20.13 -20.78 -5.59
C LEU A 141 -20.09 -22.30 -5.55
N LYS A 142 -20.44 -22.92 -6.67
CA LYS A 142 -20.50 -24.36 -6.79
C LYS A 142 -20.13 -24.72 -8.22
N ALA A 143 -19.86 -25.99 -8.46
CA ALA A 143 -19.53 -26.45 -9.80
C ALA A 143 -20.69 -26.13 -10.73
N HIS A 144 -20.37 -25.70 -11.94
CA HIS A 144 -21.40 -25.33 -12.91
C HIS A 144 -20.77 -25.11 -14.26
N GLY A 145 -21.14 -25.94 -15.23
CA GLY A 145 -20.59 -25.80 -16.57
C GLY A 145 -19.08 -25.89 -16.56
N GLU A 146 -18.42 -24.88 -17.12
CA GLU A 146 -16.96 -24.85 -17.17
C GLU A 146 -16.27 -24.64 -15.83
N ILE A 147 -17.05 -24.30 -14.79
CA ILE A 147 -16.46 -24.12 -13.46
C ILE A 147 -16.51 -25.52 -12.86
N ALA A 148 -15.36 -26.14 -12.80
CA ALA A 148 -15.27 -27.51 -12.31
C ALA A 148 -15.23 -27.66 -10.82
N PRO A 149 -15.53 -28.88 -10.33
CA PRO A 149 -15.50 -29.15 -8.89
C PRO A 149 -14.08 -28.86 -8.36
N GLU A 150 -13.09 -29.16 -9.20
CA GLU A 150 -11.71 -28.93 -8.84
C GLU A 150 -11.40 -27.44 -8.70
N ASP A 151 -12.11 -26.61 -9.46
CA ASP A 151 -11.90 -25.17 -9.38
C ASP A 151 -12.45 -24.70 -8.04
N VAL A 152 -13.63 -25.21 -7.69
CA VAL A 152 -14.25 -24.88 -6.41
C VAL A 152 -13.36 -25.39 -5.29
N GLY A 153 -12.68 -26.50 -5.55
CA GLY A 153 -11.78 -27.08 -4.57
C GLY A 153 -10.54 -26.26 -4.28
N LEU A 154 -10.27 -25.26 -5.11
CA LEU A 154 -9.10 -24.39 -4.89
C LEU A 154 -9.40 -23.47 -3.72
N LEU A 155 -10.69 -23.33 -3.42
CA LEU A 155 -11.12 -22.47 -2.32
C LEU A 155 -10.98 -23.19 -0.98
N ARG A 156 -10.23 -22.59 -0.06
CA ARG A 156 -10.09 -23.21 1.26
C ARG A 156 -11.21 -22.69 2.16
N VAL A 157 -11.59 -23.47 3.17
CA VAL A 157 -12.69 -23.04 4.02
C VAL A 157 -12.27 -22.64 5.44
N VAL A 158 -12.69 -21.44 5.85
CA VAL A 158 -12.43 -20.92 7.20
C VAL A 158 -13.78 -20.60 7.82
N ALA A 159 -14.21 -21.42 8.78
CA ALA A 159 -15.50 -21.26 9.41
C ALA A 159 -15.45 -20.69 10.83
N ASP A 160 -14.28 -20.75 11.47
CA ASP A 160 -14.14 -20.25 12.84
C ASP A 160 -12.72 -19.82 13.12
N GLU A 161 -12.47 -19.27 14.30
CA GLU A 161 -11.13 -18.78 14.61
C GLU A 161 -10.03 -19.85 14.57
N GLU A 162 -10.38 -21.10 14.84
CA GLU A 162 -9.38 -22.18 14.77
C GLU A 162 -8.97 -22.40 13.32
N ASP A 163 -9.95 -22.38 12.41
CA ASP A 163 -9.64 -22.55 10.99
C ASP A 163 -8.76 -21.38 10.57
N LEU A 164 -9.11 -20.19 11.05
CA LEU A 164 -8.37 -19.00 10.71
C LEU A 164 -6.89 -19.11 11.12
N ARG A 165 -6.64 -19.57 12.35
CA ARG A 165 -5.26 -19.70 12.80
C ARG A 165 -4.50 -20.71 11.92
N ARG A 166 -5.14 -21.85 11.60
CA ARG A 166 -4.47 -22.84 10.77
C ARG A 166 -4.18 -22.27 9.38
N PHE A 167 -5.12 -21.49 8.86
CA PHE A 167 -4.94 -20.88 7.55
C PHE A 167 -3.74 -19.93 7.57
N LEU A 168 -3.70 -19.05 8.55
CA LEU A 168 -2.61 -18.06 8.68
C LEU A 168 -1.26 -18.73 8.88
N ARG A 169 -1.25 -19.79 9.66
CA ARG A 169 0.00 -20.51 9.94
C ARG A 169 0.54 -21.22 8.70
N SER A 170 -0.32 -21.38 7.69
CA SER A 170 0.11 -22.06 6.47
C SER A 170 0.59 -21.09 5.41
N LEU A 171 0.46 -19.79 5.67
CA LEU A 171 0.87 -18.80 4.66
C LEU A 171 2.37 -18.58 4.57
N MSE B 1 -1.31 6.88 10.27
CA MSE B 1 -0.13 7.74 10.01
C MSE B 1 -0.01 8.10 8.53
O MSE B 1 -0.68 7.51 7.68
CB MSE B 1 1.15 7.05 10.48
CG MSE B 1 1.74 6.04 9.52
SE MSE B 1 3.57 5.65 10.03
CE MSE B 1 4.13 7.46 10.43
N ARG B 2 0.82 9.09 8.23
CA ARG B 2 1.01 9.55 6.87
C ARG B 2 2.40 9.16 6.39
N LEU B 3 2.57 9.07 5.08
CA LEU B 3 3.85 8.70 4.51
C LEU B 3 4.36 9.77 3.55
N LEU B 4 5.68 9.86 3.47
CA LEU B 4 6.33 10.77 2.52
C LEU B 4 6.86 9.80 1.45
N ALA B 5 6.48 10.00 0.19
CA ALA B 5 6.99 9.11 -0.86
C ALA B 5 8.26 9.78 -1.35
N VAL B 6 9.37 9.03 -1.40
CA VAL B 6 10.63 9.61 -1.85
C VAL B 6 11.13 8.87 -3.09
N PHE B 7 11.64 9.62 -4.05
CA PHE B 7 12.18 9.07 -5.31
C PHE B 7 13.68 9.33 -5.20
N VAL B 8 14.50 8.31 -5.47
CA VAL B 8 15.94 8.50 -5.32
C VAL B 8 16.75 7.43 -6.05
N SER B 9 18.03 7.75 -6.28
CA SER B 9 18.98 6.86 -6.94
C SER B 9 18.97 5.46 -6.36
N SER B 10 18.97 4.48 -7.24
CA SER B 10 18.98 3.08 -6.85
C SER B 10 20.40 2.55 -6.85
N ARG B 11 21.32 3.30 -7.44
CA ARG B 11 22.70 2.86 -7.54
C ARG B 11 23.64 3.49 -6.50
N LEU B 12 23.11 4.39 -5.69
CA LEU B 12 23.90 5.07 -4.67
C LEU B 12 24.67 4.14 -3.74
N SER B 13 25.99 4.38 -3.64
CA SER B 13 26.85 3.56 -2.79
C SER B 13 26.84 4.03 -1.35
N PRO B 14 26.95 3.10 -0.39
CA PRO B 14 26.95 3.44 1.04
C PRO B 14 28.14 4.31 1.45
N GLU B 15 29.14 4.40 0.59
CA GLU B 15 30.32 5.21 0.87
C GLU B 15 30.16 6.61 0.29
N ASP B 16 29.14 6.79 -0.55
CA ASP B 16 28.90 8.11 -1.14
C ASP B 16 28.38 9.00 -0.01
N PRO B 17 28.90 10.23 0.08
CA PRO B 17 28.46 11.15 1.14
C PRO B 17 26.94 11.34 1.14
N LEU B 18 26.33 11.26 -0.04
CA LEU B 18 24.87 11.43 -0.13
C LEU B 18 24.12 10.33 0.58
N TYR B 19 24.68 9.13 0.60
CA TYR B 19 24.03 8.01 1.28
C TYR B 19 23.78 8.36 2.75
N ALA B 20 24.81 8.89 3.41
CA ALA B 20 24.69 9.26 4.81
C ALA B 20 23.68 10.39 5.02
N ARG B 21 23.61 11.31 4.05
CA ARG B 21 22.66 12.42 4.12
C ARG B 21 21.23 11.89 4.04
N TRP B 22 21.02 10.91 3.16
CA TRP B 22 19.68 10.33 3.01
C TRP B 22 19.29 9.49 4.22
N VAL B 23 20.26 8.88 4.88
CA VAL B 23 19.95 8.11 6.09
C VAL B 23 19.39 9.14 7.09
N ARG B 24 20.05 10.28 7.20
CA ARG B 24 19.59 11.34 8.10
C ARG B 24 18.19 11.84 7.73
N TYR B 25 17.91 11.98 6.43
CA TYR B 25 16.58 12.43 6.00
C TYR B 25 15.55 11.41 6.49
N GLY B 26 15.90 10.12 6.42
CA GLY B 26 14.97 9.10 6.88
C GLY B 26 14.68 9.26 8.37
N GLU B 27 15.72 9.54 9.14
CA GLU B 27 15.58 9.75 10.58
C GLU B 27 14.66 10.93 10.83
N VAL B 28 14.90 12.02 10.12
CA VAL B 28 14.09 13.23 10.26
C VAL B 28 12.62 13.01 9.91
N LEU B 29 12.32 12.35 8.79
CA LEU B 29 10.93 12.18 8.45
C LEU B 29 10.20 11.35 9.53
N ALA B 30 10.90 10.38 10.10
CA ALA B 30 10.32 9.56 11.16
C ALA B 30 10.13 10.38 12.43
N GLU B 31 11.11 11.23 12.75
CA GLU B 31 11.03 12.08 13.94
C GLU B 31 9.81 12.97 13.81
N GLU B 32 9.54 13.41 12.59
CA GLU B 32 8.40 14.27 12.30
C GLU B 32 7.06 13.55 12.27
N GLY B 33 7.08 12.25 12.56
CA GLY B 33 5.86 11.48 12.61
C GLY B 33 5.40 10.79 11.34
N PHE B 34 6.22 10.83 10.30
CA PHE B 34 5.86 10.21 9.04
C PHE B 34 6.54 8.87 8.85
N GLY B 35 5.99 8.10 7.93
CA GLY B 35 6.57 6.83 7.55
C GLY B 35 7.10 7.08 6.14
N LEU B 36 7.69 6.06 5.52
CA LEU B 36 8.25 6.20 4.19
C LEU B 36 7.65 5.27 3.13
N ALA B 37 7.47 5.80 1.93
CA ALA B 37 6.99 5.02 0.79
C ALA B 37 8.12 5.19 -0.22
N CYS B 38 8.70 4.10 -0.68
CA CYS B 38 9.80 4.18 -1.64
C CYS B 38 9.80 2.94 -2.52
N GLY B 39 10.74 2.87 -3.46
CA GLY B 39 10.83 1.75 -4.39
C GLY B 39 11.21 0.44 -3.74
N GLY B 40 11.67 0.51 -2.49
CA GLY B 40 12.01 -0.69 -1.74
C GLY B 40 13.32 -1.44 -1.96
N TYR B 41 14.19 -0.91 -2.80
CA TYR B 41 15.44 -1.61 -3.07
C TYR B 41 16.70 -1.02 -2.42
N GLN B 42 17.81 -1.02 -3.13
CA GLN B 42 19.07 -0.51 -2.58
C GLN B 42 19.31 0.98 -2.78
N GLY B 43 20.58 1.37 -2.73
CA GLY B 43 20.95 2.76 -2.90
C GLY B 43 20.26 3.68 -1.91
N GLY B 44 19.75 4.80 -2.41
CA GLY B 44 19.07 5.75 -1.54
C GLY B 44 17.82 5.19 -0.89
N MSE B 45 17.20 4.19 -1.51
CA MSE B 45 16.00 3.60 -0.94
C MSE B 45 16.35 2.91 0.38
O MSE B 45 15.64 3.05 1.37
CB MSE B 45 15.35 2.62 -1.94
CG MSE B 45 14.76 3.33 -3.16
SE MSE B 45 14.27 2.13 -4.62
CE MSE B 45 16.07 1.90 -5.38
N GLU B 46 17.47 2.19 0.40
CA GLU B 46 17.88 1.52 1.62
C GLU B 46 18.39 2.52 2.64
N ALA B 47 19.03 3.59 2.19
CA ALA B 47 19.56 4.61 3.10
C ALA B 47 18.39 5.26 3.83
N LEU B 48 17.39 5.68 3.07
CA LEU B 48 16.21 6.30 3.66
C LEU B 48 15.51 5.36 4.65
N ALA B 49 15.28 4.13 4.21
CA ALA B 49 14.59 3.15 5.04
C ALA B 49 15.34 2.87 6.34
N ARG B 50 16.66 2.80 6.26
CA ARG B 50 17.48 2.53 7.43
C ARG B 50 17.29 3.65 8.46
N GLY B 51 17.26 4.89 7.97
CA GLY B 51 17.09 6.04 8.84
C GLY B 51 15.70 6.08 9.47
N VAL B 52 14.68 5.75 8.68
CA VAL B 52 13.30 5.73 9.17
C VAL B 52 13.15 4.68 10.27
N LYS B 53 13.77 3.52 10.09
CA LYS B 53 13.67 2.46 11.10
C LYS B 53 14.46 2.82 12.35
N ALA B 54 15.52 3.60 12.17
CA ALA B 54 16.35 4.01 13.31
C ALA B 54 15.56 4.88 14.28
N LYS B 55 14.54 5.56 13.76
CA LYS B 55 13.70 6.43 14.58
C LYS B 55 12.27 5.94 14.78
N GLY B 56 12.06 4.64 14.58
CA GLY B 56 10.76 4.03 14.80
C GLY B 56 9.66 4.23 13.77
N GLY B 57 10.00 4.64 12.55
CA GLY B 57 8.98 4.83 11.55
C GLY B 57 8.67 3.56 10.77
N LEU B 58 7.64 3.63 9.94
CA LEU B 58 7.22 2.51 9.10
C LEU B 58 7.70 2.73 7.66
N VAL B 59 8.07 1.65 6.99
CA VAL B 59 8.56 1.75 5.61
C VAL B 59 7.77 0.85 4.66
N VAL B 60 7.24 1.44 3.60
CA VAL B 60 6.50 0.68 2.61
C VAL B 60 7.32 0.66 1.33
N GLY B 61 7.55 -0.54 0.79
CA GLY B 61 8.33 -0.66 -0.43
C GLY B 61 7.49 -1.11 -1.60
N VAL B 62 7.37 -0.24 -2.60
CA VAL B 62 6.59 -0.57 -3.80
C VAL B 62 7.62 -1.07 -4.80
N THR B 63 7.81 -2.39 -4.80
CA THR B 63 8.79 -3.03 -5.65
C THR B 63 8.24 -3.30 -7.06
N ALA B 64 9.05 -3.94 -7.91
CA ALA B 64 8.66 -4.27 -9.28
C ALA B 64 9.45 -5.53 -9.66
N PRO B 65 9.19 -6.64 -8.93
CA PRO B 65 9.87 -7.91 -9.16
C PRO B 65 10.10 -8.31 -10.61
N ALA B 66 9.06 -8.20 -11.45
CA ALA B 66 9.18 -8.58 -12.85
C ALA B 66 10.29 -7.86 -13.58
N PHE B 67 10.56 -6.61 -13.19
CA PHE B 67 11.58 -5.82 -13.84
C PHE B 67 12.98 -6.04 -13.31
N PHE B 68 13.10 -6.49 -12.05
CA PHE B 68 14.42 -6.73 -11.47
C PHE B 68 14.53 -8.12 -10.84
N PRO B 69 14.50 -9.17 -11.67
CA PRO B 69 14.60 -10.55 -11.17
C PRO B 69 15.90 -10.77 -10.41
N GLU B 70 16.93 -10.00 -10.74
CA GLU B 70 18.22 -10.14 -10.08
C GLU B 70 18.21 -9.47 -8.69
N ARG B 71 17.10 -8.81 -8.36
CA ARG B 71 16.96 -8.19 -7.05
C ARG B 71 16.09 -9.11 -6.20
N ARG B 72 16.75 -9.92 -5.40
CA ARG B 72 16.13 -10.89 -4.50
C ARG B 72 14.81 -10.49 -3.83
N GLY B 73 14.70 -9.21 -3.49
CA GLY B 73 13.50 -8.74 -2.83
C GLY B 73 13.76 -7.36 -2.23
N PRO B 74 12.82 -6.81 -1.45
CA PRO B 74 13.04 -5.48 -0.87
C PRO B 74 14.19 -5.49 0.15
N ASN B 75 14.69 -4.30 0.48
CA ASN B 75 15.78 -4.22 1.45
C ASN B 75 15.29 -4.64 2.84
N PRO B 76 16.22 -4.97 3.74
CA PRO B 76 15.93 -5.41 5.11
C PRO B 76 15.14 -4.46 5.99
N PHE B 77 15.05 -3.20 5.58
CA PHE B 77 14.33 -2.21 6.37
C PHE B 77 12.92 -1.91 5.93
N VAL B 78 12.44 -2.65 4.94
CA VAL B 78 11.08 -2.48 4.45
C VAL B 78 10.13 -3.32 5.29
N ASP B 79 9.07 -2.68 5.79
CA ASP B 79 8.07 -3.38 6.61
C ASP B 79 7.01 -4.05 5.75
N LEU B 80 6.44 -3.31 4.81
CA LEU B 80 5.40 -3.83 3.94
C LEU B 80 5.82 -3.75 2.48
N GLU B 81 5.78 -4.87 1.77
CA GLU B 81 6.12 -4.83 0.36
C GLU B 81 4.81 -4.80 -0.44
N LEU B 82 4.77 -3.94 -1.44
CA LEU B 82 3.61 -3.82 -2.32
C LEU B 82 4.16 -3.94 -3.74
N PRO B 83 4.33 -5.18 -4.24
CA PRO B 83 4.85 -5.44 -5.58
C PRO B 83 3.97 -4.92 -6.71
N ALA B 84 4.57 -4.18 -7.64
CA ALA B 84 3.85 -3.63 -8.78
C ALA B 84 4.25 -4.36 -10.05
N ALA B 85 3.30 -4.51 -10.97
CA ALA B 85 3.54 -5.24 -12.23
C ALA B 85 4.00 -4.38 -13.41
N THR B 86 3.81 -3.08 -13.33
CA THR B 86 4.22 -2.19 -14.42
C THR B 86 4.78 -0.92 -13.81
N LEU B 87 5.53 -0.14 -14.58
CA LEU B 87 6.09 1.11 -14.04
C LEU B 87 4.98 2.11 -13.75
N PRO B 88 4.00 2.24 -14.66
CA PRO B 88 2.95 3.21 -14.31
C PRO B 88 2.23 2.82 -13.01
N GLN B 89 1.99 1.53 -12.83
CA GLN B 89 1.30 1.06 -11.62
C GLN B 89 2.15 1.35 -10.39
N ARG B 90 3.45 1.07 -10.49
CA ARG B 90 4.38 1.30 -9.40
C ARG B 90 4.34 2.77 -8.99
N ILE B 91 4.47 3.64 -9.98
CA ILE B 91 4.46 5.07 -9.69
C ILE B 91 3.11 5.51 -9.11
N GLY B 92 2.02 5.05 -9.71
CA GLY B 92 0.70 5.43 -9.21
C GLY B 92 0.53 5.02 -7.76
N ARG B 93 1.12 3.90 -7.38
CA ARG B 93 1.02 3.44 -6.00
C ARG B 93 1.83 4.34 -5.06
N LEU B 94 3.04 4.69 -5.46
CA LEU B 94 3.84 5.59 -4.63
C LEU B 94 3.10 6.92 -4.45
N LEU B 95 2.51 7.42 -5.53
CA LEU B 95 1.78 8.69 -5.47
C LEU B 95 0.57 8.62 -4.55
N ASP B 96 -0.16 7.51 -4.58
CA ASP B 96 -1.33 7.39 -3.73
C ASP B 96 -1.01 7.10 -2.28
N LEU B 97 0.20 6.60 -2.02
CA LEU B 97 0.60 6.30 -0.65
C LEU B 97 1.07 7.53 0.10
N GLY B 98 1.59 8.50 -0.64
CA GLY B 98 2.14 9.66 0.02
C GLY B 98 1.30 10.90 0.20
N ALA B 99 1.53 11.57 1.32
CA ALA B 99 0.86 12.81 1.66
C ALA B 99 1.63 13.94 0.98
N GLY B 100 2.87 13.62 0.59
CA GLY B 100 3.73 14.57 -0.08
C GLY B 100 4.85 13.78 -0.73
N TYR B 101 5.58 14.40 -1.66
CA TYR B 101 6.66 13.71 -2.36
C TYR B 101 7.96 14.47 -2.34
N LEU B 102 9.07 13.76 -2.37
CA LEU B 102 10.39 14.39 -2.37
C LEU B 102 11.23 13.70 -3.42
N ALA B 103 11.81 14.48 -4.33
CA ALA B 103 12.64 13.90 -5.37
C ALA B 103 14.11 14.20 -5.09
N LEU B 104 14.82 13.17 -4.63
CA LEU B 104 16.25 13.30 -4.36
C LEU B 104 16.94 12.95 -5.67
N PRO B 105 18.27 13.19 -5.76
CA PRO B 105 19.02 12.90 -6.99
C PRO B 105 18.88 11.45 -7.46
N GLY B 106 18.75 11.27 -8.77
CA GLY B 106 18.62 9.93 -9.33
C GLY B 106 18.68 10.01 -10.84
N GLY B 107 18.41 8.89 -11.51
CA GLY B 107 18.43 8.83 -12.97
C GLY B 107 17.07 8.92 -13.62
N VAL B 108 16.96 8.37 -14.83
CA VAL B 108 15.73 8.42 -15.58
C VAL B 108 14.51 7.87 -14.83
N GLY B 109 14.72 6.83 -14.03
CA GLY B 109 13.59 6.25 -13.28
C GLY B 109 13.07 7.21 -12.22
N THR B 110 13.98 7.93 -11.58
CA THR B 110 13.60 8.88 -10.56
C THR B 110 12.90 10.06 -11.23
N LEU B 111 13.39 10.48 -12.40
CA LEU B 111 12.78 11.59 -13.13
C LEU B 111 11.32 11.25 -13.50
N ALA B 112 11.08 10.00 -13.88
CA ALA B 112 9.73 9.57 -14.26
C ALA B 112 8.75 9.75 -13.11
N GLU B 113 9.18 9.43 -11.90
CA GLU B 113 8.32 9.58 -10.72
C GLU B 113 8.11 11.07 -10.45
N LEU B 114 9.20 11.83 -10.52
CA LEU B 114 9.17 13.27 -10.31
C LEU B 114 8.20 13.94 -11.27
N VAL B 115 8.35 13.68 -12.57
CA VAL B 115 7.50 14.34 -13.55
C VAL B 115 6.01 13.95 -13.46
N LEU B 116 5.70 12.70 -13.09
CA LEU B 116 4.29 12.35 -12.97
C LEU B 116 3.65 13.10 -11.79
N ALA B 117 4.40 13.22 -10.69
CA ALA B 117 3.88 13.95 -9.53
C ALA B 117 3.73 15.42 -9.93
N TRP B 118 4.69 15.93 -10.71
CA TRP B 118 4.67 17.32 -11.17
C TRP B 118 3.45 17.57 -12.05
N ASN B 119 3.16 16.60 -12.91
CA ASN B 119 2.04 16.63 -13.84
C ASN B 119 0.72 16.84 -13.07
N LEU B 120 0.56 16.15 -11.96
CA LEU B 120 -0.65 16.30 -11.17
C LEU B 120 -0.80 17.73 -10.64
N LEU B 121 0.28 18.30 -10.11
CA LEU B 121 0.21 19.68 -9.63
C LEU B 121 -0.04 20.64 -10.79
N TYR B 122 0.60 20.35 -11.92
CA TYR B 122 0.49 21.17 -13.13
C TYR B 122 -0.94 21.31 -13.63
N LEU B 123 -1.75 20.26 -13.44
CA LEU B 123 -3.14 20.32 -13.85
C LEU B 123 -3.89 21.40 -13.06
N ARG B 124 -3.34 21.76 -11.90
CA ARG B 124 -3.94 22.79 -11.04
C ARG B 124 -5.43 22.60 -10.85
N ARG B 125 -5.82 21.38 -10.46
CA ARG B 125 -7.22 21.04 -10.24
C ARG B 125 -7.39 20.44 -8.85
N GLY B 126 -6.47 20.76 -7.95
CA GLY B 126 -6.55 20.21 -6.61
C GLY B 126 -6.23 18.73 -6.52
N VAL B 127 -5.51 18.19 -7.50
CA VAL B 127 -5.17 16.77 -7.47
C VAL B 127 -3.69 16.58 -7.13
N GLY B 128 -3.29 15.36 -6.81
CA GLY B 128 -1.90 15.14 -6.43
C GLY B 128 -1.62 15.76 -5.07
N ARG B 129 -0.35 15.98 -4.76
CA ARG B 129 0.05 16.55 -3.48
C ARG B 129 1.39 17.27 -3.61
N PRO B 130 1.80 18.06 -2.60
CA PRO B 130 3.07 18.81 -2.64
C PRO B 130 4.29 17.98 -3.03
N LEU B 131 5.09 18.55 -3.94
CA LEU B 131 6.29 17.91 -4.44
C LEU B 131 7.51 18.78 -4.22
N ALA B 132 8.49 18.23 -3.52
CA ALA B 132 9.71 18.94 -3.24
C ALA B 132 10.81 18.24 -4.00
N VAL B 133 11.81 18.98 -4.45
CA VAL B 133 12.93 18.37 -5.17
C VAL B 133 14.26 18.86 -4.59
N ASP B 134 15.28 18.02 -4.70
CA ASP B 134 16.61 18.39 -4.24
C ASP B 134 17.06 19.35 -5.35
N PRO B 135 17.82 20.42 -5.02
CA PRO B 135 18.29 21.38 -6.03
C PRO B 135 18.87 20.76 -7.31
N TYR B 136 19.40 19.55 -7.18
CA TYR B 136 19.98 18.78 -8.30
C TYR B 136 19.06 18.80 -9.52
N TRP B 137 17.77 18.58 -9.30
CA TRP B 137 16.82 18.55 -10.40
C TRP B 137 16.59 19.88 -11.10
N LEU B 138 16.84 20.98 -10.39
CA LEU B 138 16.64 22.29 -11.00
C LEU B 138 17.74 22.58 -12.03
N GLY B 139 18.78 21.75 -12.04
CA GLY B 139 19.84 21.91 -13.01
C GLY B 139 19.38 21.31 -14.34
N LEU B 140 18.29 20.56 -14.28
CA LEU B 140 17.74 19.92 -15.47
C LEU B 140 16.37 20.47 -15.85
N LEU B 141 15.46 20.51 -14.88
CA LEU B 141 14.12 21.01 -15.14
C LEU B 141 14.11 22.53 -15.05
N LYS B 142 13.87 23.15 -16.20
CA LYS B 142 13.87 24.59 -16.32
C LYS B 142 12.79 24.98 -17.32
N ALA B 143 12.43 26.26 -17.34
CA ALA B 143 11.42 26.71 -18.28
C ALA B 143 11.91 26.39 -19.68
N HIS B 144 11.00 25.92 -20.54
CA HIS B 144 11.37 25.54 -21.91
C HIS B 144 10.11 25.41 -22.74
N GLY B 145 9.97 26.27 -23.74
CA GLY B 145 8.79 26.21 -24.60
C GLY B 145 7.49 26.27 -23.82
N GLU B 146 6.66 25.25 -23.96
CA GLU B 146 5.39 25.23 -23.24
C GLU B 146 5.51 24.99 -21.74
N ILE B 147 6.71 24.63 -21.28
CA ILE B 147 6.92 24.44 -19.84
C ILE B 147 7.31 25.82 -19.35
N ALA B 148 6.36 26.46 -18.70
CA ALA B 148 6.52 27.82 -18.20
C ALA B 148 7.25 27.95 -16.88
N PRO B 149 7.77 29.14 -16.59
CA PRO B 149 8.48 29.39 -15.34
C PRO B 149 7.56 29.06 -14.15
N GLU B 150 6.28 29.40 -14.33
CA GLU B 150 5.27 29.15 -13.31
C GLU B 150 5.12 27.64 -13.04
N ASP B 151 5.30 26.83 -14.07
CA ASP B 151 5.19 25.38 -13.91
C ASP B 151 6.38 24.89 -13.08
N VAL B 152 7.56 25.37 -13.44
CA VAL B 152 8.77 24.99 -12.70
C VAL B 152 8.63 25.47 -11.25
N GLY B 153 7.95 26.61 -11.09
CA GLY B 153 7.73 27.17 -9.77
C GLY B 153 6.83 26.34 -8.87
N LEU B 154 6.14 25.36 -9.45
CA LEU B 154 5.27 24.49 -8.67
C LEU B 154 6.12 23.54 -7.83
N LEU B 155 7.38 23.41 -8.22
CA LEU B 155 8.31 22.54 -7.50
C LEU B 155 8.87 23.25 -6.28
N ARG B 156 8.74 22.64 -5.12
CA ARG B 156 9.29 23.24 -3.92
C ARG B 156 10.70 22.70 -3.77
N VAL B 157 11.58 23.45 -3.12
CA VAL B 157 12.96 23.00 -2.98
C VAL B 157 13.31 22.57 -1.57
N VAL B 158 13.89 21.39 -1.44
CA VAL B 158 14.36 20.88 -0.15
C VAL B 158 15.84 20.59 -0.35
N ALA B 159 16.68 21.38 0.30
CA ALA B 159 18.13 21.23 0.15
C ALA B 159 18.83 20.69 1.39
N ASP B 160 18.12 20.68 2.53
CA ASP B 160 18.71 20.18 3.77
C ASP B 160 17.64 19.74 4.77
N GLU B 161 18.07 19.23 5.92
CA GLU B 161 17.15 18.75 6.96
C GLU B 161 16.13 19.78 7.42
N GLU B 162 16.57 21.03 7.58
CA GLU B 162 15.65 22.08 8.01
C GLU B 162 14.56 22.26 6.97
N ASP B 163 14.95 22.25 5.70
CA ASP B 163 13.98 22.39 4.62
C ASP B 163 13.00 21.23 4.69
N LEU B 164 13.52 20.02 4.89
CA LEU B 164 12.69 18.82 4.97
C LEU B 164 11.66 18.93 6.09
N ARG B 165 12.11 19.31 7.28
CA ARG B 165 11.20 19.44 8.41
C ARG B 165 10.09 20.44 8.09
N ARG B 166 10.46 21.59 7.52
CA ARG B 166 9.46 22.61 7.17
C ARG B 166 8.48 22.09 6.13
N PHE B 167 9.01 21.36 5.16
CA PHE B 167 8.16 20.78 4.11
C PHE B 167 7.16 19.81 4.74
N LEU B 168 7.66 18.88 5.56
CA LEU B 168 6.81 17.88 6.21
C LEU B 168 5.70 18.51 7.05
N ARG B 169 6.04 19.54 7.82
CA ARG B 169 5.04 20.18 8.66
C ARG B 169 4.00 20.96 7.86
N SER B 170 4.26 21.17 6.58
CA SER B 170 3.32 21.90 5.75
C SER B 170 2.34 20.97 5.04
N LEU B 171 2.54 19.67 5.14
CA LEU B 171 1.67 18.70 4.47
C LEU B 171 0.33 18.49 5.17
#